data_8R5E
#
_entry.id   8R5E
#
_cell.length_a   65.341
_cell.length_b   75.249
_cell.length_c   82.869
_cell.angle_alpha   90.00
_cell.angle_beta   90.00
_cell.angle_gamma   90.00
#
_symmetry.space_group_name_H-M   'P 21 21 21'
#
loop_
_entity.id
_entity.type
_entity.pdbx_description
1 polymer 'Mitogen-activated protein kinase 8'
2 non-polymer 'MAGNESIUM ION'
3 non-polymer 'PHOSPHOAMINOPHOSPHONIC ACID-ADENYLATE ESTER'
4 non-polymer '~{O}3-~{tert}-butyl ~{O}1-methyl (1~{S},3~{R},5~{R})-6-methylidene-4-oxidanylidene-bicyclo[3.2.1]octane-1,3-dicarboxylate'
5 non-polymer GLYCEROL
6 water water
#
_entity_poly.entity_id   1
_entity_poly.type   'polypeptide(L)'
_entity_poly.pdbx_seq_one_letter_code
;GSMSRSKRDNNFYSVEIGDSTFTVLKRYQNLKPIGSGAQGIVCAAYDAILERNVAIKKLSRPFQNQTHAKRAYRELVLMK
CVNHKNIIGLLNVFTPQKSLEEFQDVYIVMELMDANLCQVIQMELDHERMSYLLYQMLCGIKHLHSAGIIHRDLKPSNIV
VKSDCTLKILDFGLARTAGTSFMMTPYVVTRYYRAPEVILGMGYKENVDIWSVGCIMGEMIKGGVLFPGTDHIDQWNKVI
EQLGTPCPEFMKKLQPTVRTYVENRPKYAGYSFEKLFPDVLFPADSEHNKLKASQARDLLSKMLVIDASKRISVDEALQH
PYINVWYDPSEAEAPPPKIPDKQLDEREHTIEEWKELIYKEVMDLE
;
_entity_poly.pdbx_strand_id   A
#
loop_
_chem_comp.id
_chem_comp.type
_chem_comp.name
_chem_comp.formula
ANP non-polymer 'PHOSPHOAMINOPHOSPHONIC ACID-ADENYLATE ESTER' 'C10 H17 N6 O12 P3'
GOL non-polymer GLYCEROL 'C3 H8 O3'
MG non-polymer 'MAGNESIUM ION' 'Mg 2'
Y6K non-polymer '~{O}3-~{tert}-butyl ~{O}1-methyl (1~{S},3~{R},5~{R})-6-methylidene-4-oxidanylidene-bicyclo[3.2.1]octane-1,3-dicarboxylate' 'C16 H22 O5'
#
# COMPACT_ATOMS: atom_id res chain seq x y z
N LYS A 7 14.45 -0.80 -36.23
CA LYS A 7 13.87 -1.78 -37.16
C LYS A 7 12.59 -2.34 -36.53
N ARG A 8 11.55 -2.57 -37.33
CA ARG A 8 10.36 -3.27 -36.85
C ARG A 8 10.77 -4.57 -36.17
N ASP A 9 10.27 -4.79 -34.95
CA ASP A 9 10.42 -6.05 -34.24
C ASP A 9 9.08 -6.78 -34.27
N ASN A 10 9.00 -7.82 -35.11
CA ASN A 10 7.78 -8.58 -35.34
C ASN A 10 7.21 -9.19 -34.05
N ASN A 11 7.89 -9.02 -32.90
CA ASN A 11 7.50 -9.70 -31.67
C ASN A 11 6.39 -8.97 -30.91
N PHE A 12 5.98 -7.78 -31.37
CA PHE A 12 4.97 -6.98 -30.67
C PHE A 12 3.71 -6.81 -31.52
N TYR A 13 2.60 -6.54 -30.84
CA TYR A 13 1.35 -6.15 -31.50
C TYR A 13 0.66 -5.09 -30.63
N SER A 14 -0.38 -4.46 -31.18
CA SER A 14 -1.07 -3.36 -30.51
C SER A 14 -2.55 -3.67 -30.37
N VAL A 15 -3.10 -3.36 -29.19
CA VAL A 15 -4.53 -3.47 -28.94
C VAL A 15 -4.99 -2.23 -28.17
N GLU A 16 -6.18 -1.72 -28.52
CA GLU A 16 -6.72 -0.53 -27.88
C GLU A 16 -7.55 -0.94 -26.67
N ILE A 17 -7.18 -0.41 -25.50
CA ILE A 17 -7.91 -0.63 -24.27
C ILE A 17 -8.47 0.71 -23.82
N GLY A 18 -9.79 0.88 -23.95
CA GLY A 18 -10.41 2.16 -23.71
C GLY A 18 -9.80 3.23 -24.60
N ASP A 19 -9.30 4.31 -23.98
CA ASP A 19 -8.74 5.43 -24.71
C ASP A 19 -7.31 5.11 -25.17
N SER A 20 -6.54 4.46 -24.30
N SER A 20 -6.53 4.47 -24.31
CA SER A 20 -5.11 4.27 -24.55
CA SER A 20 -5.11 4.27 -24.56
C SER A 20 -4.86 2.95 -25.29
C SER A 20 -4.87 2.96 -25.30
N THR A 21 -3.70 2.88 -25.95
CA THR A 21 -3.29 1.70 -26.71
C THR A 21 -2.23 0.93 -25.93
N PHE A 22 -2.37 -0.40 -25.85
CA PHE A 22 -1.32 -1.26 -25.34
C PHE A 22 -0.58 -1.94 -26.48
N THR A 23 0.75 -1.82 -26.45
CA THR A 23 1.64 -2.51 -27.39
C THR A 23 2.50 -3.48 -26.59
N VAL A 24 2.26 -4.78 -26.77
CA VAL A 24 2.80 -5.79 -25.89
C VAL A 24 3.42 -6.91 -26.72
N LEU A 25 4.28 -7.70 -26.07
CA LEU A 25 4.83 -8.91 -26.68
C LEU A 25 3.70 -9.88 -27.04
N LYS A 26 3.88 -10.60 -28.14
CA LYS A 26 2.83 -11.45 -28.68
C LYS A 26 2.47 -12.62 -27.77
N ARG A 27 3.37 -12.98 -26.85
CA ARG A 27 3.04 -13.96 -25.83
C ARG A 27 1.82 -13.54 -25.01
N TYR A 28 1.59 -12.24 -24.82
CA TYR A 28 0.49 -11.77 -23.98
C TYR A 28 -0.77 -11.62 -24.83
N GLN A 29 -1.79 -12.43 -24.51
CA GLN A 29 -2.98 -12.58 -25.35
C GLN A 29 -4.22 -12.18 -24.55
N ASN A 30 -5.26 -11.74 -25.26
CA ASN A 30 -6.59 -11.57 -24.68
C ASN A 30 -6.60 -10.54 -23.57
N LEU A 31 -6.04 -9.36 -23.84
CA LEU A 31 -5.92 -8.35 -22.80
C LEU A 31 -7.30 -7.83 -22.43
N LYS A 32 -7.55 -7.68 -21.12
CA LYS A 32 -8.80 -7.13 -20.63
C LYS A 32 -8.47 -6.11 -19.55
N PRO A 33 -9.05 -4.90 -19.57
CA PRO A 33 -8.74 -3.89 -18.55
C PRO A 33 -9.31 -4.31 -17.19
N ILE A 34 -8.48 -4.25 -16.13
CA ILE A 34 -8.93 -4.63 -14.80
C ILE A 34 -8.75 -3.49 -13.82
N GLY A 35 -8.04 -2.43 -14.23
CA GLY A 35 -7.74 -1.35 -13.31
C GLY A 35 -7.20 -0.12 -14.03
N SER A 36 -7.38 1.01 -13.35
CA SER A 36 -6.88 2.29 -13.84
C SER A 36 -6.49 3.12 -12.62
N GLY A 37 -5.65 4.12 -12.85
CA GLY A 37 -5.37 5.11 -11.83
C GLY A 37 -4.20 6.00 -12.25
N ALA A 38 -3.69 6.75 -11.25
CA ALA A 38 -2.68 7.76 -11.49
C ALA A 38 -1.41 7.17 -12.12
N GLN A 39 -1.11 5.90 -11.84
CA GLN A 39 0.11 5.27 -12.32
C GLN A 39 -0.04 4.87 -13.79
N GLY A 40 -1.13 4.15 -14.11
CA GLY A 40 -1.39 3.78 -15.48
C GLY A 40 -2.55 2.79 -15.58
N ILE A 41 -2.66 2.15 -16.73
CA ILE A 41 -3.75 1.23 -17.00
C ILE A 41 -3.23 -0.17 -16.71
N VAL A 42 -4.05 -1.01 -16.07
CA VAL A 42 -3.71 -2.40 -15.81
C VAL A 42 -4.65 -3.30 -16.60
N CYS A 43 -4.07 -4.28 -17.31
CA CYS A 43 -4.83 -5.27 -18.06
C CYS A 43 -4.53 -6.67 -17.51
N ALA A 44 -5.55 -7.52 -17.46
CA ALA A 44 -5.32 -8.94 -17.31
C ALA A 44 -5.03 -9.52 -18.69
N ALA A 45 -4.19 -10.56 -18.73
CA ALA A 45 -3.79 -11.18 -19.98
C ALA A 45 -3.40 -12.64 -19.73
N TYR A 46 -3.45 -13.43 -20.79
CA TYR A 46 -2.91 -14.77 -20.77
C TYR A 46 -1.51 -14.76 -21.38
N ASP A 47 -0.53 -15.23 -20.61
CA ASP A 47 0.85 -15.39 -21.07
C ASP A 47 1.02 -16.79 -21.66
N ALA A 48 1.17 -16.87 -22.99
CA ALA A 48 1.21 -18.13 -23.71
C ALA A 48 2.51 -18.88 -23.42
N ILE A 49 3.58 -18.18 -23.04
CA ILE A 49 4.86 -18.79 -22.76
C ILE A 49 4.89 -19.40 -21.34
N LEU A 50 4.44 -18.66 -20.34
CA LEU A 50 4.35 -19.13 -18.95
C LEU A 50 3.14 -20.05 -18.74
N GLU A 51 2.15 -19.99 -19.65
CA GLU A 51 0.88 -20.70 -19.52
C GLU A 51 0.19 -20.33 -18.22
N ARG A 52 0.04 -19.02 -17.99
CA ARG A 52 -0.72 -18.55 -16.84
C ARG A 52 -1.21 -17.14 -17.10
N ASN A 53 -2.14 -16.69 -16.25
CA ASN A 53 -2.65 -15.34 -16.36
C ASN A 53 -1.73 -14.38 -15.64
N VAL A 54 -1.65 -13.17 -16.19
CA VAL A 54 -0.77 -12.13 -15.70
C VAL A 54 -1.51 -10.80 -15.75
N ALA A 55 -0.94 -9.84 -15.04
CA ALA A 55 -1.41 -8.47 -15.08
C ALA A 55 -0.30 -7.64 -15.70
N ILE A 56 -0.70 -6.77 -16.63
CA ILE A 56 0.23 -5.91 -17.35
C ILE A 56 -0.18 -4.46 -17.09
N LYS A 57 0.76 -3.70 -16.54
CA LYS A 57 0.53 -2.31 -16.23
C LYS A 57 1.40 -1.50 -17.18
N LYS A 58 0.79 -0.49 -17.83
CA LYS A 58 1.52 0.40 -18.72
C LYS A 58 1.81 1.70 -17.98
N LEU A 59 3.09 2.07 -17.91
CA LEU A 59 3.52 3.38 -17.46
C LEU A 59 3.82 4.22 -18.70
N SER A 60 3.06 5.32 -18.86
CA SER A 60 3.20 6.20 -20.01
C SER A 60 4.15 7.35 -19.67
N ARG A 61 5.29 7.40 -20.38
CA ARG A 61 6.27 8.46 -20.26
C ARG A 61 6.61 8.71 -18.79
N PRO A 62 7.15 7.71 -18.06
CA PRO A 62 7.33 7.85 -16.62
C PRO A 62 8.44 8.85 -16.26
N PHE A 63 9.31 9.15 -17.22
CA PHE A 63 10.38 10.12 -17.02
C PHE A 63 9.92 11.56 -17.27
N GLN A 64 8.63 11.79 -17.48
CA GLN A 64 8.14 13.06 -17.99
C GLN A 64 8.43 14.20 -17.00
N ASN A 65 8.42 13.89 -15.71
CA ASN A 65 8.85 14.82 -14.68
C ASN A 65 9.37 14.02 -13.50
N GLN A 66 10.08 14.68 -12.59
CA GLN A 66 10.66 13.96 -11.47
C GLN A 66 9.62 13.25 -10.60
N THR A 67 8.44 13.85 -10.41
CA THR A 67 7.45 13.24 -9.54
C THR A 67 7.07 11.86 -10.09
N HIS A 68 6.78 11.79 -11.38
CA HIS A 68 6.47 10.54 -12.04
C HIS A 68 7.67 9.61 -12.02
N ALA A 69 8.86 10.16 -12.28
CA ALA A 69 10.05 9.37 -12.53
C ALA A 69 10.52 8.66 -11.28
N LYS A 70 10.45 9.37 -10.14
CA LYS A 70 10.94 8.81 -8.89
C LYS A 70 10.08 7.61 -8.48
N ARG A 71 8.76 7.74 -8.67
CA ARG A 71 7.85 6.67 -8.31
C ARG A 71 8.05 5.45 -9.24
N ALA A 72 8.12 5.67 -10.57
CA ALA A 72 8.33 4.58 -11.51
C ALA A 72 9.65 3.85 -11.27
N TYR A 73 10.71 4.65 -11.11
CA TYR A 73 12.03 4.10 -10.92
C TYR A 73 12.08 3.24 -9.67
N ARG A 74 11.60 3.77 -8.54
CA ARG A 74 11.74 3.00 -7.32
C ARG A 74 10.88 1.74 -7.37
N GLU A 75 9.71 1.79 -8.01
CA GLU A 75 8.86 0.59 -8.09
C GLU A 75 9.52 -0.47 -8.96
N LEU A 76 10.17 -0.09 -10.07
CA LEU A 76 10.96 -1.01 -10.86
C LEU A 76 12.09 -1.66 -10.04
N VAL A 77 12.91 -0.81 -9.40
CA VAL A 77 14.06 -1.32 -8.67
C VAL A 77 13.61 -2.26 -7.55
N LEU A 78 12.63 -1.83 -6.77
CA LEU A 78 12.18 -2.62 -5.64
C LEU A 78 11.46 -3.89 -6.09
N MET A 79 10.59 -3.81 -7.10
CA MET A 79 9.94 -5.02 -7.52
C MET A 79 10.95 -6.06 -7.99
N LYS A 80 12.06 -5.61 -8.61
CA LYS A 80 13.04 -6.54 -9.09
C LYS A 80 13.87 -7.15 -7.97
N CYS A 81 14.25 -6.36 -6.96
CA CYS A 81 15.18 -6.90 -5.97
C CYS A 81 14.45 -7.49 -4.77
N VAL A 82 13.14 -7.29 -4.62
CA VAL A 82 12.43 -7.92 -3.51
C VAL A 82 11.92 -9.30 -3.97
N ASN A 83 12.11 -10.32 -3.14
CA ASN A 83 11.53 -11.63 -3.39
C ASN A 83 10.91 -12.13 -2.08
N HIS A 84 9.64 -11.81 -1.88
CA HIS A 84 9.01 -12.14 -0.62
C HIS A 84 7.57 -12.54 -0.89
N LYS A 85 7.11 -13.52 -0.12
CA LYS A 85 5.75 -14.04 -0.24
C LYS A 85 4.69 -12.93 -0.23
N ASN A 86 4.89 -11.87 0.54
CA ASN A 86 3.81 -10.90 0.72
C ASN A 86 4.05 -9.57 0.00
N ILE A 87 4.92 -9.56 -1.02
CA ILE A 87 5.19 -8.42 -1.88
C ILE A 87 5.00 -8.90 -3.32
N ILE A 88 4.20 -8.18 -4.11
CA ILE A 88 3.97 -8.56 -5.51
C ILE A 88 5.31 -8.72 -6.23
N GLY A 89 5.44 -9.84 -6.95
CA GLY A 89 6.59 -10.17 -7.75
C GLY A 89 6.54 -9.62 -9.17
N LEU A 90 7.71 -9.38 -9.75
CA LEU A 90 7.84 -9.03 -11.16
C LEU A 90 8.11 -10.27 -12.02
N LEU A 91 7.21 -10.56 -12.97
CA LEU A 91 7.41 -11.67 -13.90
C LEU A 91 8.20 -11.23 -15.14
N ASN A 92 8.00 -9.99 -15.58
CA ASN A 92 8.67 -9.50 -16.78
C ASN A 92 8.55 -7.98 -16.80
N VAL A 93 9.38 -7.33 -17.61
CA VAL A 93 9.27 -5.91 -17.86
C VAL A 93 9.80 -5.69 -19.26
N PHE A 94 9.19 -4.78 -20.02
CA PHE A 94 9.68 -4.48 -21.35
C PHE A 94 9.22 -3.10 -21.80
N THR A 95 9.90 -2.60 -22.83
CA THR A 95 9.45 -1.45 -23.58
C THR A 95 9.28 -1.83 -25.05
N PRO A 96 8.19 -1.41 -25.73
CA PRO A 96 8.02 -1.69 -27.14
C PRO A 96 8.96 -0.85 -28.00
N GLN A 97 9.36 0.32 -27.51
CA GLN A 97 10.27 1.19 -28.27
C GLN A 97 11.68 0.59 -28.24
N LYS A 98 12.46 0.83 -29.30
CA LYS A 98 13.69 0.08 -29.53
C LYS A 98 14.94 0.89 -29.17
N SER A 99 14.79 2.19 -28.92
CA SER A 99 15.92 3.07 -28.63
C SER A 99 15.62 3.96 -27.41
N LEU A 100 16.73 4.46 -26.81
CA LEU A 100 16.61 5.49 -25.80
C LEU A 100 15.87 6.69 -26.38
N GLU A 101 16.21 7.09 -27.61
CA GLU A 101 15.61 8.27 -28.23
C GLU A 101 14.10 8.09 -28.35
N GLU A 102 13.66 6.88 -28.78
CA GLU A 102 12.24 6.63 -29.02
C GLU A 102 11.50 6.20 -27.75
N PHE A 103 12.23 5.87 -26.68
CA PHE A 103 11.64 5.28 -25.48
C PHE A 103 10.49 6.16 -24.95
N GLN A 104 9.33 5.55 -24.73
CA GLN A 104 8.16 6.23 -24.20
C GLN A 104 7.58 5.48 -23.00
N ASP A 105 7.26 4.19 -23.19
CA ASP A 105 6.41 3.47 -22.27
C ASP A 105 7.12 2.24 -21.70
N VAL A 106 6.78 1.92 -20.45
CA VAL A 106 7.24 0.75 -19.73
C VAL A 106 6.04 -0.13 -19.41
N TYR A 107 6.18 -1.44 -19.62
CA TYR A 107 5.14 -2.41 -19.29
C TYR A 107 5.68 -3.35 -18.20
N ILE A 108 4.94 -3.39 -17.08
CA ILE A 108 5.22 -4.22 -15.92
C ILE A 108 4.30 -5.43 -15.99
N VAL A 109 4.88 -6.62 -15.90
CA VAL A 109 4.10 -7.85 -15.89
C VAL A 109 4.20 -8.48 -14.52
N MET A 110 3.04 -8.72 -13.90
CA MET A 110 2.98 -9.31 -12.57
C MET A 110 2.09 -10.54 -12.63
N GLU A 111 2.18 -11.38 -11.59
CA GLU A 111 1.19 -12.41 -11.35
C GLU A 111 -0.19 -11.78 -11.23
N LEU A 112 -1.18 -12.41 -11.84
CA LEU A 112 -2.55 -11.97 -11.72
C LEU A 112 -3.17 -12.60 -10.48
N MET A 113 -3.42 -11.78 -9.48
CA MET A 113 -4.02 -12.27 -8.24
C MET A 113 -5.54 -12.34 -8.43
N ASP A 114 -6.25 -13.00 -7.51
CA ASP A 114 -7.66 -13.28 -7.73
C ASP A 114 -8.58 -12.19 -7.16
N ALA A 115 -8.11 -11.35 -6.24
CA ALA A 115 -8.99 -10.38 -5.62
C ALA A 115 -8.15 -9.28 -5.00
N ASN A 116 -8.70 -8.08 -4.83
CA ASN A 116 -8.04 -7.13 -3.95
C ASN A 116 -8.68 -7.26 -2.57
N LEU A 117 -8.04 -6.63 -1.57
CA LEU A 117 -8.47 -6.79 -0.20
C LEU A 117 -9.82 -6.11 0.06
N CYS A 118 -10.18 -5.12 -0.76
CA CYS A 118 -11.51 -4.51 -0.65
C CYS A 118 -12.57 -5.61 -0.80
N GLN A 119 -12.41 -6.45 -1.82
CA GLN A 119 -13.35 -7.55 -2.08
C GLN A 119 -13.30 -8.57 -0.94
N VAL A 120 -12.10 -8.91 -0.45
CA VAL A 120 -11.97 -9.86 0.63
C VAL A 120 -12.62 -9.32 1.90
N ILE A 121 -12.48 -8.01 2.19
CA ILE A 121 -13.16 -7.36 3.31
C ILE A 121 -14.67 -7.60 3.30
N GLN A 122 -15.31 -7.69 2.12
CA GLN A 122 -16.76 -7.80 2.06
C GLN A 122 -17.26 -9.13 2.63
N MET A 123 -16.41 -10.16 2.66
CA MET A 123 -16.82 -11.46 3.17
C MET A 123 -16.85 -11.45 4.70
N GLU A 124 -17.67 -12.33 5.29
CA GLU A 124 -17.62 -12.56 6.73
C GLU A 124 -16.38 -13.42 7.01
N LEU A 125 -15.45 -12.87 7.79
CA LEU A 125 -14.15 -13.48 8.04
C LEU A 125 -14.08 -13.85 9.51
N ASP A 126 -13.80 -15.13 9.79
CA ASP A 126 -13.61 -15.55 11.17
C ASP A 126 -12.25 -15.02 11.66
N HIS A 127 -11.94 -15.28 12.92
CA HIS A 127 -10.71 -14.80 13.53
C HIS A 127 -9.47 -15.37 12.86
N GLU A 128 -9.54 -16.61 12.39
CA GLU A 128 -8.35 -17.24 11.82
C GLU A 128 -8.00 -16.56 10.51
N ARG A 129 -9.01 -16.24 9.70
CA ARG A 129 -8.79 -15.58 8.42
C ARG A 129 -8.35 -14.13 8.62
N MET A 130 -8.98 -13.39 9.53
CA MET A 130 -8.56 -12.02 9.78
C MET A 130 -7.12 -11.98 10.30
N SER A 131 -6.80 -12.80 11.32
CA SER A 131 -5.46 -12.81 11.86
C SER A 131 -4.43 -13.25 10.82
N TYR A 132 -4.75 -14.23 9.96
CA TYR A 132 -3.80 -14.64 8.94
C TYR A 132 -3.55 -13.53 7.93
N LEU A 133 -4.60 -12.81 7.52
CA LEU A 133 -4.40 -11.75 6.55
C LEU A 133 -3.61 -10.62 7.20
N LEU A 134 -3.89 -10.31 8.47
CA LEU A 134 -3.13 -9.26 9.12
C LEU A 134 -1.67 -9.67 9.31
N TYR A 135 -1.45 -10.93 9.69
CA TYR A 135 -0.11 -11.42 9.88
C TYR A 135 0.71 -11.24 8.60
N GLN A 136 0.11 -11.55 7.45
CA GLN A 136 0.79 -11.44 6.19
C GLN A 136 1.07 -9.98 5.84
N MET A 137 0.14 -9.09 6.15
CA MET A 137 0.35 -7.68 5.89
C MET A 137 1.55 -7.20 6.72
N LEU A 138 1.61 -7.63 7.98
CA LEU A 138 2.71 -7.26 8.88
C LEU A 138 4.03 -7.83 8.39
N CYS A 139 4.03 -9.06 7.88
CA CYS A 139 5.24 -9.64 7.33
C CYS A 139 5.75 -8.81 6.14
N GLY A 140 4.85 -8.46 5.20
CA GLY A 140 5.29 -7.67 4.05
C GLY A 140 5.83 -6.29 4.47
N ILE A 141 5.12 -5.62 5.38
CA ILE A 141 5.56 -4.32 5.88
C ILE A 141 6.90 -4.45 6.59
N LYS A 142 7.05 -5.48 7.45
CA LYS A 142 8.33 -5.68 8.14
C LYS A 142 9.45 -5.84 7.12
N HIS A 143 9.21 -6.59 6.04
CA HIS A 143 10.23 -6.81 5.04
C HIS A 143 10.65 -5.48 4.39
N LEU A 144 9.69 -4.65 4.01
CA LEU A 144 9.99 -3.32 3.47
C LEU A 144 10.81 -2.49 4.44
N HIS A 145 10.39 -2.44 5.69
CA HIS A 145 11.04 -1.68 6.74
C HIS A 145 12.48 -2.11 6.93
N SER A 146 12.75 -3.42 6.81
CA SER A 146 14.09 -3.95 6.97
C SER A 146 15.04 -3.42 5.90
N ALA A 147 14.53 -2.98 4.75
CA ALA A 147 15.38 -2.32 3.76
C ALA A 147 15.23 -0.80 3.82
N GLY A 148 14.65 -0.26 4.88
CA GLY A 148 14.50 1.19 5.02
C GLY A 148 13.37 1.78 4.19
N ILE A 149 12.42 0.96 3.71
CA ILE A 149 11.31 1.41 2.90
C ILE A 149 10.09 1.52 3.81
N ILE A 150 9.66 2.74 4.11
CA ILE A 150 8.46 3.01 4.90
C ILE A 150 7.36 3.42 3.91
N HIS A 151 6.21 2.75 3.96
CA HIS A 151 5.23 2.82 2.87
C HIS A 151 4.45 4.14 2.93
N ARG A 152 3.76 4.38 4.05
CA ARG A 152 2.96 5.57 4.36
C ARG A 152 1.63 5.62 3.63
N ASP A 153 1.37 4.75 2.65
CA ASP A 153 0.12 4.86 1.93
C ASP A 153 -0.52 3.49 1.70
N LEU A 154 -0.49 2.60 2.71
CA LEU A 154 -1.06 1.27 2.55
C LEU A 154 -2.58 1.41 2.48
N LYS A 155 -3.19 0.66 1.57
CA LYS A 155 -4.65 0.71 1.45
C LYS A 155 -5.14 -0.60 0.84
N PRO A 156 -6.38 -1.03 1.17
CA PRO A 156 -6.87 -2.32 0.69
C PRO A 156 -6.92 -2.50 -0.84
N SER A 157 -7.15 -1.42 -1.59
CA SER A 157 -7.14 -1.50 -3.06
C SER A 157 -5.75 -1.86 -3.61
N ASN A 158 -4.69 -1.64 -2.82
CA ASN A 158 -3.35 -1.95 -3.28
C ASN A 158 -2.78 -3.12 -2.50
N ILE A 159 -3.65 -4.03 -2.08
CA ILE A 159 -3.27 -5.28 -1.45
C ILE A 159 -4.14 -6.31 -2.15
N VAL A 160 -3.53 -7.40 -2.62
CA VAL A 160 -4.25 -8.38 -3.41
C VAL A 160 -4.05 -9.73 -2.75
N VAL A 161 -4.96 -10.63 -3.09
CA VAL A 161 -5.05 -11.93 -2.45
C VAL A 161 -5.28 -13.01 -3.51
N LYS A 162 -4.68 -14.18 -3.29
CA LYS A 162 -4.77 -15.32 -4.19
C LYS A 162 -5.74 -16.32 -3.57
N SER A 163 -6.31 -17.20 -4.38
CA SER A 163 -7.24 -18.21 -3.92
C SER A 163 -6.62 -19.16 -2.90
N ASP A 164 -5.30 -19.27 -2.84
CA ASP A 164 -4.65 -20.08 -1.82
C ASP A 164 -4.40 -19.30 -0.53
N CYS A 165 -4.89 -18.05 -0.48
CA CYS A 165 -4.92 -17.23 0.71
C CYS A 165 -3.64 -16.42 0.90
N THR A 166 -2.71 -16.47 -0.07
CA THR A 166 -1.52 -15.63 -0.03
C THR A 166 -1.92 -14.17 -0.27
N LEU A 167 -1.44 -13.28 0.61
CA LEU A 167 -1.69 -11.85 0.51
C LEU A 167 -0.42 -11.13 0.04
N LYS A 168 -0.56 -10.19 -0.91
CA LYS A 168 0.61 -9.48 -1.42
C LYS A 168 0.33 -7.98 -1.45
N ILE A 169 1.30 -7.18 -0.99
CA ILE A 169 1.24 -5.74 -1.15
C ILE A 169 1.65 -5.39 -2.58
N LEU A 170 0.89 -4.48 -3.21
CA LEU A 170 1.03 -4.17 -4.62
C LEU A 170 2.00 -3.02 -4.88
N ASP A 171 2.15 -2.09 -3.92
CA ASP A 171 2.91 -0.87 -4.20
C ASP A 171 3.90 -0.60 -3.06
N PHE A 172 4.68 0.47 -3.21
CA PHE A 172 5.79 0.74 -2.32
C PHE A 172 5.71 2.12 -1.67
N GLY A 173 4.62 2.85 -1.85
CA GLY A 173 4.35 3.96 -0.95
C GLY A 173 4.97 5.28 -1.39
N LEU A 174 5.05 6.21 -0.43
CA LEU A 174 5.20 7.64 -0.70
C LEU A 174 6.67 8.10 -0.73
N ALA A 175 7.63 7.17 -0.51
CA ALA A 175 9.05 7.50 -0.66
C ALA A 175 9.46 8.62 0.31
N ARG A 176 10.13 9.68 -0.18
CA ARG A 176 10.52 10.77 0.70
C ARG A 176 9.74 12.04 0.38
N THR A 177 8.57 11.92 -0.27
CA THR A 177 7.76 13.08 -0.64
C THR A 177 6.99 13.59 0.59
N ALA A 178 6.44 14.81 0.49
CA ALA A 178 5.59 15.32 1.56
C ALA A 178 4.15 14.85 1.32
N GLY A 179 3.61 14.14 2.33
CA GLY A 179 2.24 13.64 2.31
C GLY A 179 1.16 14.72 2.42
N THR A 180 1.55 16.00 2.58
CA THR A 180 0.64 17.13 2.43
C THR A 180 1.27 18.21 1.55
N SER A 181 1.93 17.80 0.47
CA SER A 181 2.34 18.75 -0.56
C SER A 181 1.44 18.57 -1.77
N PHE A 182 1.30 19.65 -2.54
CA PHE A 182 0.48 19.61 -3.75
C PHE A 182 0.97 18.49 -4.67
N MET A 183 0.01 17.76 -5.25
CA MET A 183 0.32 16.77 -6.27
C MET A 183 -0.55 17.05 -7.49
N MET A 184 0.11 17.44 -8.60
CA MET A 184 -0.59 17.59 -9.87
C MET A 184 -1.04 16.21 -10.32
N THR A 185 -2.36 15.98 -10.31
CA THR A 185 -2.93 14.72 -10.77
C THR A 185 -4.44 14.91 -10.96
N PRO A 186 -5.03 14.28 -11.98
CA PRO A 186 -6.49 14.34 -12.15
C PRO A 186 -7.27 13.35 -11.29
N TYR A 187 -6.59 12.38 -10.67
CA TYR A 187 -7.27 11.23 -10.08
C TYR A 187 -7.53 11.46 -8.59
N VAL A 188 -8.62 10.84 -8.11
CA VAL A 188 -8.91 10.81 -6.68
C VAL A 188 -7.78 10.09 -5.96
N VAL A 189 -7.43 10.56 -4.76
CA VAL A 189 -6.43 9.92 -3.92
C VAL A 189 -7.12 9.54 -2.62
N THR A 190 -7.16 8.25 -2.31
CA THR A 190 -7.83 7.74 -1.13
C THR A 190 -6.96 8.05 0.11
N ARG A 191 -7.51 8.75 1.11
CA ARG A 191 -6.74 9.16 2.26
C ARG A 191 -7.21 8.51 3.57
N TYR A 192 -8.19 7.60 3.49
CA TYR A 192 -8.85 7.04 4.67
C TYR A 192 -7.89 6.27 5.60
N TYR A 193 -6.76 5.77 5.06
CA TYR A 193 -5.87 4.86 5.81
C TYR A 193 -4.55 5.53 6.25
N ARG A 194 -4.38 6.80 5.90
CA ARG A 194 -3.14 7.54 6.19
C ARG A 194 -3.09 7.92 7.67
N ALA A 195 -1.92 7.75 8.29
CA ALA A 195 -1.74 8.06 9.70
C ALA A 195 -1.97 9.55 9.97
N PRO A 196 -2.36 9.94 11.22
CA PRO A 196 -2.41 11.35 11.59
C PRO A 196 -1.16 12.13 11.21
N GLU A 197 0.01 11.53 11.45
CA GLU A 197 1.23 12.26 11.19
C GLU A 197 1.41 12.52 9.69
N VAL A 198 0.83 11.69 8.84
CA VAL A 198 0.87 11.96 7.41
C VAL A 198 -0.11 13.10 7.06
N ILE A 199 -1.37 12.99 7.49
CA ILE A 199 -2.37 13.95 7.03
C ILE A 199 -2.16 15.33 7.70
N LEU A 200 -1.48 15.40 8.86
CA LEU A 200 -1.16 16.66 9.52
C LEU A 200 0.23 17.18 9.18
N GLY A 201 0.97 16.46 8.32
CA GLY A 201 2.26 16.94 7.85
C GLY A 201 3.35 16.97 8.92
N MET A 202 3.46 15.87 9.68
CA MET A 202 4.36 15.77 10.82
C MET A 202 5.49 14.83 10.46
N GLY A 203 6.49 14.70 11.34
CA GLY A 203 7.51 13.69 11.17
C GLY A 203 6.91 12.30 11.38
N TYR A 204 7.60 11.28 10.89
CA TYR A 204 7.09 9.93 11.03
C TYR A 204 8.24 8.95 11.21
N LYS A 205 7.87 7.72 11.59
CA LYS A 205 8.81 6.62 11.73
C LYS A 205 8.09 5.37 11.23
N GLU A 206 8.71 4.21 11.42
CA GLU A 206 8.21 2.96 10.84
C GLU A 206 6.74 2.71 11.16
N ASN A 207 6.29 2.98 12.39
CA ASN A 207 4.96 2.57 12.78
C ASN A 207 3.87 3.48 12.19
N VAL A 208 4.24 4.46 11.34
CA VAL A 208 3.26 5.13 10.51
C VAL A 208 2.40 4.07 9.80
N ASP A 209 3.00 2.92 9.42
CA ASP A 209 2.30 1.91 8.64
C ASP A 209 1.37 1.09 9.52
N ILE A 210 1.62 1.08 10.83
CA ILE A 210 0.76 0.38 11.76
C ILE A 210 -0.63 1.02 11.82
N TRP A 211 -0.70 2.36 11.75
CA TRP A 211 -1.99 3.03 11.72
C TRP A 211 -2.87 2.45 10.61
N SER A 212 -2.29 2.34 9.41
CA SER A 212 -2.98 1.84 8.23
C SER A 212 -3.47 0.40 8.43
N VAL A 213 -2.66 -0.44 9.06
CA VAL A 213 -3.04 -1.82 9.37
C VAL A 213 -4.25 -1.79 10.31
N GLY A 214 -4.21 -0.92 11.31
CA GLY A 214 -5.32 -0.78 12.25
C GLY A 214 -6.61 -0.38 11.53
N CYS A 215 -6.50 0.56 10.60
CA CYS A 215 -7.66 0.98 9.83
C CYS A 215 -8.23 -0.17 9.02
N ILE A 216 -7.36 -1.01 8.44
CA ILE A 216 -7.81 -2.12 7.64
C ILE A 216 -8.45 -3.20 8.52
N MET A 217 -7.82 -3.45 9.67
CA MET A 217 -8.35 -4.43 10.61
C MET A 217 -9.74 -3.99 11.09
N GLY A 218 -9.89 -2.70 11.45
CA GLY A 218 -11.16 -2.24 11.95
C GLY A 218 -12.24 -2.36 10.88
N GLU A 219 -11.87 -2.08 9.63
CA GLU A 219 -12.81 -2.22 8.53
C GLU A 219 -13.21 -3.67 8.29
N MET A 220 -12.24 -4.60 8.39
CA MET A 220 -12.51 -6.03 8.26
C MET A 220 -13.60 -6.48 9.23
N ILE A 221 -13.54 -5.96 10.45
CA ILE A 221 -14.50 -6.28 11.51
C ILE A 221 -15.84 -5.61 11.26
N LYS A 222 -15.83 -4.29 11.07
CA LYS A 222 -17.06 -3.52 11.00
C LYS A 222 -17.76 -3.65 9.65
N GLY A 223 -17.02 -3.86 8.56
CA GLY A 223 -17.63 -3.94 7.25
C GLY A 223 -17.76 -2.59 6.54
N GLY A 224 -17.19 -1.52 7.09
CA GLY A 224 -17.15 -0.24 6.40
C GLY A 224 -15.90 0.52 6.78
N VAL A 225 -15.54 1.54 5.99
CA VAL A 225 -14.35 2.33 6.24
C VAL A 225 -14.47 2.99 7.60
N LEU A 226 -13.40 2.97 8.40
CA LEU A 226 -13.49 3.52 9.75
C LEU A 226 -13.56 5.05 9.75
N PHE A 227 -12.72 5.70 8.92
CA PHE A 227 -12.58 7.15 8.93
C PHE A 227 -12.77 7.67 7.50
N PRO A 228 -14.01 7.64 6.99
CA PRO A 228 -14.29 7.97 5.60
C PRO A 228 -14.45 9.46 5.36
N GLY A 229 -13.37 10.23 5.50
CA GLY A 229 -13.48 11.67 5.42
C GLY A 229 -13.75 12.12 3.99
N THR A 230 -14.73 13.01 3.80
CA THR A 230 -15.07 13.49 2.47
C THR A 230 -14.01 14.48 1.98
N ASP A 231 -13.14 14.95 2.88
CA ASP A 231 -12.03 15.82 2.54
C ASP A 231 -11.08 15.85 3.74
N HIS A 232 -10.05 16.68 3.70
CA HIS A 232 -9.01 16.61 4.71
C HIS A 232 -9.63 17.00 6.05
N ILE A 233 -10.52 17.99 6.02
CA ILE A 233 -11.20 18.47 7.22
C ILE A 233 -11.91 17.31 7.90
N ASP A 234 -12.77 16.63 7.13
CA ASP A 234 -13.67 15.63 7.64
C ASP A 234 -12.85 14.47 8.22
N GLN A 235 -11.75 14.11 7.55
CA GLN A 235 -10.91 12.97 7.91
C GLN A 235 -10.47 13.10 9.36
N TRP A 236 -9.87 14.25 9.71
CA TRP A 236 -9.42 14.50 11.06
C TRP A 236 -10.60 14.46 12.03
N ASN A 237 -11.70 15.15 11.69
CA ASN A 237 -12.89 15.14 12.53
C ASN A 237 -13.33 13.72 12.86
N LYS A 238 -13.31 12.81 11.87
CA LYS A 238 -13.80 11.47 12.08
C LYS A 238 -12.88 10.69 13.00
N VAL A 239 -11.58 10.99 12.95
CA VAL A 239 -10.63 10.31 13.81
C VAL A 239 -10.86 10.71 15.27
N ILE A 240 -10.94 12.02 15.54
CA ILE A 240 -11.04 12.53 16.90
C ILE A 240 -12.39 12.18 17.51
N GLU A 241 -13.45 12.14 16.70
CA GLU A 241 -14.79 11.86 17.20
C GLU A 241 -14.81 10.47 17.83
N GLN A 242 -14.04 9.54 17.24
CA GLN A 242 -14.12 8.16 17.66
C GLN A 242 -13.08 7.82 18.72
N LEU A 243 -11.86 8.34 18.56
CA LEU A 243 -10.72 7.92 19.37
C LEU A 243 -10.39 8.92 20.47
N GLY A 244 -10.93 10.13 20.39
CA GLY A 244 -10.64 11.19 21.34
C GLY A 244 -9.60 12.19 20.83
N THR A 245 -9.67 13.41 21.36
CA THR A 245 -8.67 14.43 21.11
C THR A 245 -7.33 13.97 21.67
N PRO A 246 -6.22 14.09 20.94
CA PRO A 246 -4.92 13.66 21.48
C PRO A 246 -4.37 14.66 22.50
N CYS A 247 -3.30 14.24 23.17
CA CYS A 247 -2.80 14.93 24.34
C CYS A 247 -2.16 16.25 23.91
N PRO A 248 -2.01 17.20 24.85
CA PRO A 248 -1.36 18.47 24.52
C PRO A 248 0.06 18.29 23.99
N GLU A 249 0.79 17.28 24.50
CA GLU A 249 2.17 17.07 24.11
C GLU A 249 2.25 16.82 22.61
N PHE A 250 1.24 16.11 22.08
CA PHE A 250 1.18 15.84 20.65
C PHE A 250 0.89 17.13 19.89
N MET A 251 -0.04 17.91 20.40
CA MET A 251 -0.40 19.20 19.82
C MET A 251 0.82 20.10 19.59
N LYS A 252 1.79 20.09 20.53
CA LYS A 252 2.92 21.01 20.52
C LYS A 252 3.83 20.76 19.32
N LYS A 253 3.63 19.63 18.66
CA LYS A 253 4.41 19.25 17.50
C LYS A 253 3.88 19.91 16.23
N LEU A 254 2.70 20.55 16.27
CA LEU A 254 2.05 20.91 15.01
C LEU A 254 2.45 22.33 14.56
N GLN A 255 2.47 22.54 13.24
N GLN A 255 2.47 22.55 13.24
CA GLN A 255 2.75 23.85 12.65
CA GLN A 255 2.79 23.86 12.68
C GLN A 255 1.64 24.80 13.07
C GLN A 255 1.64 24.81 13.02
N PRO A 256 1.91 26.13 13.18
CA PRO A 256 0.90 27.05 13.70
C PRO A 256 -0.52 26.97 13.11
N THR A 257 -0.69 26.93 11.79
CA THR A 257 -2.05 27.00 11.26
C THR A 257 -2.81 25.71 11.60
N VAL A 258 -2.17 24.56 11.40
CA VAL A 258 -2.74 23.25 11.74
C VAL A 258 -3.02 23.19 13.24
N ARG A 259 -2.08 23.70 14.05
CA ARG A 259 -2.18 23.59 15.49
C ARG A 259 -3.41 24.36 15.99
N THR A 260 -3.60 25.58 15.51
CA THR A 260 -4.73 26.39 15.95
C THR A 260 -6.05 25.68 15.59
N TYR A 261 -6.13 25.14 14.37
CA TYR A 261 -7.31 24.41 13.92
C TYR A 261 -7.56 23.22 14.87
N VAL A 262 -6.56 22.34 14.99
CA VAL A 262 -6.70 21.14 15.80
C VAL A 262 -7.05 21.49 17.24
N GLU A 263 -6.46 22.56 17.77
CA GLU A 263 -6.66 22.92 19.17
C GLU A 263 -8.06 23.50 19.37
N ASN A 264 -8.67 24.09 18.33
CA ASN A 264 -9.95 24.76 18.48
C ASN A 264 -11.13 23.87 18.04
N ARG A 265 -10.86 22.61 17.71
CA ARG A 265 -11.92 21.63 17.55
C ARG A 265 -12.55 21.35 18.91
N PRO A 266 -13.83 20.90 18.98
CA PRO A 266 -14.42 20.49 20.25
C PRO A 266 -13.59 19.35 20.84
N LYS A 267 -13.61 19.21 22.17
CA LYS A 267 -12.77 18.24 22.84
C LYS A 267 -13.55 16.94 23.02
N TYR A 268 -13.05 15.90 22.38
CA TYR A 268 -13.70 14.59 22.37
C TYR A 268 -12.99 13.62 23.30
N ALA A 269 -13.79 12.90 24.08
CA ALA A 269 -13.31 11.87 24.98
C ALA A 269 -12.98 10.62 24.18
N GLY A 270 -13.63 10.42 23.03
CA GLY A 270 -13.47 9.17 22.32
C GLY A 270 -14.32 8.09 22.96
N TYR A 271 -14.47 6.97 22.28
CA TYR A 271 -15.23 5.85 22.79
C TYR A 271 -14.27 4.70 23.05
N SER A 272 -14.67 3.84 23.99
CA SER A 272 -13.93 2.64 24.30
C SER A 272 -13.90 1.73 23.06
N PHE A 273 -12.87 0.89 22.99
CA PHE A 273 -12.79 -0.07 21.88
C PHE A 273 -13.90 -1.11 21.99
N GLU A 274 -14.46 -1.31 23.19
CA GLU A 274 -15.62 -2.17 23.33
C GLU A 274 -16.85 -1.55 22.66
N LYS A 275 -17.00 -0.22 22.75
CA LYS A 275 -18.13 0.42 22.11
C LYS A 275 -17.88 0.54 20.60
N LEU A 276 -16.63 0.75 20.19
CA LEU A 276 -16.31 0.92 18.79
C LEU A 276 -16.41 -0.41 18.06
N PHE A 277 -16.00 -1.49 18.74
CA PHE A 277 -15.94 -2.80 18.12
C PHE A 277 -16.66 -3.82 19.03
N PRO A 278 -18.01 -3.74 19.10
CA PRO A 278 -18.78 -4.64 19.96
C PRO A 278 -18.76 -6.10 19.51
N ASP A 279 -19.07 -7.00 20.45
CA ASP A 279 -19.00 -8.44 20.24
C ASP A 279 -19.91 -8.89 19.10
N VAL A 280 -21.01 -8.17 18.91
CA VAL A 280 -21.97 -8.47 17.85
C VAL A 280 -21.28 -8.51 16.47
N LEU A 281 -20.22 -7.70 16.27
CA LEU A 281 -19.55 -7.63 14.98
C LEU A 281 -18.59 -8.78 14.77
N PHE A 282 -18.27 -9.53 15.84
CA PHE A 282 -17.25 -10.57 15.81
C PHE A 282 -17.86 -11.97 15.76
N PRO A 283 -17.11 -13.00 15.33
CA PRO A 283 -17.46 -14.37 15.73
C PRO A 283 -17.31 -14.41 17.25
N ALA A 284 -18.33 -14.93 17.93
CA ALA A 284 -18.33 -14.90 19.39
C ALA A 284 -19.33 -15.91 19.94
N ASP A 285 -19.34 -17.11 19.36
CA ASP A 285 -20.28 -18.15 19.72
C ASP A 285 -19.65 -19.17 20.66
N SER A 286 -18.41 -18.93 21.11
CA SER A 286 -17.66 -19.92 21.87
C SER A 286 -16.63 -19.22 22.75
N GLU A 287 -16.01 -20.04 23.63
CA GLU A 287 -14.98 -19.59 24.55
C GLU A 287 -13.79 -19.02 23.75
N HIS A 288 -13.28 -19.79 22.79
CA HIS A 288 -12.16 -19.38 21.94
C HIS A 288 -12.47 -18.04 21.26
N ASN A 289 -13.69 -17.91 20.72
CA ASN A 289 -14.09 -16.77 19.90
C ASN A 289 -14.34 -15.49 20.72
N LYS A 290 -14.74 -15.63 22.00
CA LYS A 290 -14.96 -14.47 22.87
C LYS A 290 -13.61 -13.89 23.32
N LEU A 291 -12.70 -14.76 23.81
CA LEU A 291 -11.32 -14.39 24.08
C LEU A 291 -10.67 -13.73 22.86
N LYS A 292 -10.88 -14.31 21.67
CA LYS A 292 -10.28 -13.81 20.45
C LYS A 292 -10.77 -12.38 20.17
N ALA A 293 -12.06 -12.10 20.45
CA ALA A 293 -12.62 -10.76 20.28
C ALA A 293 -11.91 -9.75 21.20
N SER A 294 -11.70 -10.13 22.46
N SER A 294 -11.70 -10.12 22.46
CA SER A 294 -10.98 -9.29 23.40
CA SER A 294 -10.97 -9.25 23.38
C SER A 294 -9.54 -9.04 22.92
C SER A 294 -9.54 -9.03 22.89
N GLN A 295 -8.89 -10.08 22.39
CA GLN A 295 -7.53 -9.96 21.89
C GLN A 295 -7.51 -9.03 20.67
N ALA A 296 -8.52 -9.15 19.80
CA ALA A 296 -8.61 -8.29 18.62
C ALA A 296 -8.74 -6.82 19.04
N ARG A 297 -9.60 -6.54 20.03
CA ARG A 297 -9.82 -5.17 20.48
C ARG A 297 -8.55 -4.62 21.14
N ASP A 298 -7.85 -5.51 21.86
CA ASP A 298 -6.58 -5.13 22.47
C ASP A 298 -5.58 -4.73 21.37
N LEU A 299 -5.47 -5.51 20.29
CA LEU A 299 -4.56 -5.14 19.21
C LEU A 299 -5.00 -3.84 18.55
N LEU A 300 -6.30 -3.70 18.23
CA LEU A 300 -6.78 -2.46 17.65
C LEU A 300 -6.43 -1.28 18.54
N SER A 301 -6.62 -1.43 19.85
CA SER A 301 -6.42 -0.32 20.76
C SER A 301 -4.95 0.09 20.82
N LYS A 302 -4.03 -0.74 20.31
CA LYS A 302 -2.61 -0.43 20.29
C LYS A 302 -2.16 0.08 18.92
N MET A 303 -2.96 -0.13 17.88
CA MET A 303 -2.54 0.29 16.55
C MET A 303 -3.22 1.61 16.20
N LEU A 304 -4.48 1.75 16.62
CA LEU A 304 -5.27 2.95 16.35
C LEU A 304 -5.06 3.93 17.49
N VAL A 305 -3.83 4.44 17.51
CA VAL A 305 -3.34 5.37 18.51
C VAL A 305 -2.83 6.61 17.78
N ILE A 306 -3.45 7.76 18.03
CA ILE A 306 -3.16 8.95 17.23
C ILE A 306 -1.68 9.32 17.35
N ASP A 307 -1.18 9.39 18.59
CA ASP A 307 0.19 9.75 18.89
C ASP A 307 1.11 8.57 18.61
N ALA A 308 1.92 8.64 17.55
CA ALA A 308 2.72 7.51 17.14
C ALA A 308 3.73 7.10 18.20
N SER A 309 4.12 8.02 19.09
CA SER A 309 5.06 7.69 20.15
C SER A 309 4.45 6.69 21.15
N LYS A 310 3.12 6.56 21.17
CA LYS A 310 2.47 5.58 22.03
C LYS A 310 1.85 4.43 21.21
N ARG A 311 2.16 4.34 19.91
CA ARG A 311 1.57 3.34 19.03
C ARG A 311 2.50 2.14 18.91
N ILE A 312 1.93 0.93 18.85
CA ILE A 312 2.73 -0.28 18.82
C ILE A 312 3.57 -0.37 17.54
N SER A 313 4.69 -1.10 17.61
CA SER A 313 5.56 -1.32 16.48
C SER A 313 5.13 -2.55 15.67
N VAL A 314 5.71 -2.70 14.48
CA VAL A 314 5.41 -3.86 13.65
C VAL A 314 5.83 -5.13 14.35
N ASP A 315 7.01 -5.12 14.99
CA ASP A 315 7.53 -6.33 15.63
C ASP A 315 6.66 -6.72 16.82
N GLU A 316 6.22 -5.72 17.58
CA GLU A 316 5.33 -5.94 18.71
C GLU A 316 3.98 -6.49 18.23
N ALA A 317 3.47 -5.98 17.11
CA ALA A 317 2.22 -6.50 16.57
C ALA A 317 2.35 -7.98 16.16
N LEU A 318 3.49 -8.34 15.54
CA LEU A 318 3.73 -9.72 15.14
C LEU A 318 3.78 -10.66 16.33
N GLN A 319 4.16 -10.15 17.51
CA GLN A 319 4.23 -10.91 18.75
C GLN A 319 2.92 -10.90 19.54
N HIS A 320 1.94 -10.10 19.12
CA HIS A 320 0.68 -10.00 19.83
C HIS A 320 -0.05 -11.34 19.78
N PRO A 321 -0.72 -11.80 20.86
CA PRO A 321 -1.39 -13.10 20.85
C PRO A 321 -2.39 -13.31 19.71
N TYR A 322 -2.94 -12.22 19.14
CA TYR A 322 -3.92 -12.37 18.07
C TYR A 322 -3.23 -12.81 16.78
N ILE A 323 -1.98 -12.37 16.63
CA ILE A 323 -1.23 -12.52 15.39
C ILE A 323 -0.29 -13.72 15.46
N ASN A 324 0.31 -13.96 16.63
CA ASN A 324 1.54 -14.74 16.75
C ASN A 324 1.24 -16.24 16.59
N VAL A 325 -0.04 -16.63 16.55
CA VAL A 325 -0.42 -18.00 16.29
C VAL A 325 0.03 -18.43 14.88
N TRP A 326 0.38 -17.45 14.03
CA TRP A 326 0.78 -17.71 12.66
C TRP A 326 2.28 -17.53 12.44
N TYR A 327 3.00 -17.18 13.49
CA TYR A 327 4.36 -16.71 13.32
C TYR A 327 5.29 -17.81 12.79
N ASP A 328 5.98 -17.47 11.69
CA ASP A 328 6.99 -18.33 11.11
C ASP A 328 8.16 -17.44 10.73
N PRO A 329 9.35 -17.64 11.32
CA PRO A 329 10.51 -16.81 11.00
C PRO A 329 10.92 -16.86 9.51
N SER A 330 10.59 -17.93 8.78
CA SER A 330 10.86 -17.94 7.35
C SER A 330 10.19 -16.74 6.64
N GLU A 331 9.02 -16.28 7.13
CA GLU A 331 8.36 -15.13 6.53
C GLU A 331 8.57 -13.87 7.36
N ALA A 332 8.71 -14.02 8.68
CA ALA A 332 8.71 -12.87 9.55
C ALA A 332 10.14 -12.36 9.81
N GLU A 333 11.17 -13.16 9.46
CA GLU A 333 12.56 -12.82 9.72
C GLU A 333 13.41 -13.09 8.48
N ALA A 334 12.88 -12.75 7.31
CA ALA A 334 13.59 -12.98 6.06
C ALA A 334 14.76 -11.99 5.96
N PRO A 335 15.84 -12.33 5.25
CA PRO A 335 16.92 -11.39 5.01
C PRO A 335 16.39 -10.17 4.26
N PRO A 336 16.83 -8.94 4.62
CA PRO A 336 16.33 -7.74 3.99
C PRO A 336 16.60 -7.76 2.50
N PRO A 337 15.76 -7.11 1.69
CA PRO A 337 16.13 -6.81 0.31
C PRO A 337 17.50 -6.14 0.26
N LYS A 338 18.29 -6.47 -0.77
CA LYS A 338 19.50 -5.77 -1.06
C LYS A 338 19.22 -4.87 -2.25
N ILE A 339 19.04 -3.58 -1.96
CA ILE A 339 18.73 -2.62 -2.99
C ILE A 339 20.03 -2.25 -3.69
N PRO A 340 20.19 -2.51 -5.01
CA PRO A 340 21.47 -2.24 -5.66
C PRO A 340 21.79 -0.75 -5.79
N ASP A 341 20.75 0.09 -5.94
CA ASP A 341 20.94 1.52 -6.08
C ASP A 341 21.04 2.12 -4.68
N LYS A 342 22.27 2.47 -4.28
CA LYS A 342 22.52 2.97 -2.94
C LYS A 342 21.99 4.40 -2.76
N GLN A 343 21.64 5.09 -3.87
CA GLN A 343 21.08 6.43 -3.79
C GLN A 343 19.58 6.42 -4.07
N LEU A 344 18.92 5.26 -3.95
CA LEU A 344 17.50 5.18 -4.18
C LEU A 344 16.81 6.21 -3.26
N ASP A 345 15.94 7.03 -3.84
CA ASP A 345 15.13 8.03 -3.14
C ASP A 345 15.97 9.22 -2.63
N GLU A 346 17.23 9.30 -3.05
CA GLU A 346 18.09 10.41 -2.62
C GLU A 346 18.64 11.13 -3.85
N ARG A 347 17.93 11.08 -4.97
CA ARG A 347 18.52 11.62 -6.19
C ARG A 347 17.58 12.65 -6.82
N GLU A 348 18.18 13.71 -7.36
CA GLU A 348 17.46 14.64 -8.20
C GLU A 348 18.06 14.53 -9.59
N HIS A 349 17.22 14.42 -10.62
CA HIS A 349 17.72 14.24 -11.97
C HIS A 349 16.90 15.06 -12.94
N THR A 350 17.56 15.46 -14.03
CA THR A 350 16.92 16.03 -15.19
C THR A 350 16.03 14.99 -15.86
N ILE A 351 15.15 15.51 -16.72
CA ILE A 351 14.20 14.69 -17.46
C ILE A 351 14.97 13.65 -18.29
N GLU A 352 16.05 14.08 -18.97
CA GLU A 352 16.82 13.16 -19.78
C GLU A 352 17.59 12.16 -18.92
N GLU A 353 18.09 12.57 -17.76
CA GLU A 353 18.76 11.65 -16.86
C GLU A 353 17.77 10.59 -16.37
N TRP A 354 16.56 10.99 -15.93
CA TRP A 354 15.55 10.03 -15.49
C TRP A 354 15.13 9.07 -16.61
N LYS A 355 15.06 9.61 -17.84
CA LYS A 355 14.69 8.79 -18.98
C LYS A 355 15.73 7.69 -19.19
N GLU A 356 17.02 8.04 -19.06
CA GLU A 356 18.07 7.04 -19.23
C GLU A 356 18.13 6.06 -18.06
N LEU A 357 18.02 6.54 -16.81
CA LEU A 357 17.95 5.64 -15.66
C LEU A 357 16.81 4.62 -15.81
N ILE A 358 15.59 5.08 -16.15
CA ILE A 358 14.47 4.15 -16.27
C ILE A 358 14.65 3.22 -17.47
N TYR A 359 15.18 3.73 -18.58
CA TYR A 359 15.44 2.90 -19.75
C TYR A 359 16.40 1.77 -19.41
N LYS A 360 17.49 2.09 -18.69
CA LYS A 360 18.47 1.09 -18.33
C LYS A 360 17.86 0.09 -17.39
N GLU A 361 17.02 0.56 -16.46
CA GLU A 361 16.42 -0.34 -15.51
C GLU A 361 15.64 -1.43 -16.25
N VAL A 362 15.01 -1.04 -17.35
CA VAL A 362 14.23 -1.96 -18.13
C VAL A 362 15.18 -2.95 -18.82
N MET A 363 16.35 -2.44 -19.26
CA MET A 363 17.32 -3.21 -20.04
C MET A 363 18.35 -3.94 -19.17
N ASP A 364 18.38 -3.68 -17.85
CA ASP A 364 19.46 -4.10 -16.95
C ASP A 364 20.82 -3.77 -17.57
N LEU A 365 21.01 -2.49 -17.95
CA LEU A 365 22.26 -1.96 -18.48
C LEU A 365 22.82 -0.92 -17.49
MG MG B . -1.27 1.27 -7.09
PG ANP C . -3.49 3.35 -7.90
O1G ANP C . -3.00 2.30 -6.94
O2G ANP C . -3.26 4.72 -7.32
O3G ANP C . -4.97 3.09 -8.08
PB ANP C . -3.03 2.28 -10.52
O1B ANP C . -4.51 2.02 -10.54
O2B ANP C . -2.33 2.61 -11.81
N3B ANP C . -2.64 3.30 -9.31
PA ANP C . -2.95 -0.43 -9.30
O1A ANP C . -2.02 -1.54 -9.66
O2A ANP C . -3.08 -0.08 -7.85
O3A ANP C . -2.40 0.88 -10.07
O5' ANP C . -4.41 -0.72 -9.93
C5' ANP C . -5.62 -0.75 -9.09
C4' ANP C . -6.29 -2.11 -9.16
O4' ANP C . -5.72 -2.94 -10.19
C3' ANP C . -6.18 -2.96 -7.88
O3' ANP C . -7.17 -2.66 -6.91
C2' ANP C . -6.40 -4.37 -8.42
O2' ANP C . -7.77 -4.71 -8.42
C1' ANP C . -5.83 -4.30 -9.84
N9 ANP C . -4.50 -4.96 -9.94
C8 ANP C . -3.28 -4.35 -10.14
N7 ANP C . -2.28 -5.20 -10.16
C5 ANP C . -2.86 -6.44 -9.98
C6 ANP C . -2.33 -7.74 -9.91
N6 ANP C . -1.03 -8.00 -10.06
N1 ANP C . -3.18 -8.78 -9.72
C2 ANP C . -4.49 -8.49 -9.61
N3 ANP C . -5.11 -7.31 -9.65
C4 ANP C . -4.23 -6.30 -9.84
C1 Y6K D . -6.81 -17.42 5.47
C2 Y6K D . -7.41 -17.63 4.09
C3 Y6K D . -7.45 -19.04 3.56
C8 Y6K D . -7.29 -19.42 6.79
C14 Y6K D . -6.95 -21.44 3.66
C15 Y6K D . -5.53 -23.03 2.75
C16 Y6K D . -8.35 -16.53 3.70
C17 Y6K D . -9.90 -15.94 1.81
C19 Y6K D . -8.99 -14.89 1.21
C20 Y6K D . -10.53 -16.73 0.68
C18 Y6K D . -10.94 -15.30 2.74
C7 Y6K D . -7.96 -20.28 5.74
C5 Y6K D . -5.72 -19.64 5.04
C6 Y6K D . -6.17 -18.64 6.13
C9 Y6K D . -7.58 -19.36 8.07
C4 Y6K D . -7.08 -20.17 4.48
O4 Y6K D . -6.75 -16.31 5.98
O3 Y6K D . -9.07 -16.87 2.62
O2 Y6K D . -8.24 -15.43 4.19
O Y6K D . -5.70 -21.84 3.56
O1 Y6K D . -7.85 -21.95 3.07
C1 GOL E . 22.84 11.24 -7.86
O1 GOL E . 24.01 11.03 -8.65
C2 GOL E . 22.16 12.54 -8.25
O2 GOL E . 21.05 12.80 -7.40
C3 GOL E . 23.12 13.71 -8.22
O3 GOL E . 23.29 14.28 -9.52
#